data_7A1B
#
_entry.id   7A1B
#
_cell.length_a   46.256
_cell.length_b   47.593
_cell.length_c   50.550
_cell.angle_alpha   113.229
_cell.angle_beta   89.996
_cell.angle_gamma   91.127
#
_symmetry.space_group_name_H-M   'P 1'
#
loop_
_entity.id
_entity.type
_entity.pdbx_description
1 polymer "Casein kinase II subunit alpha'"
2 non-polymer 5,6-dibromo-1H-triazolo[4,5-b]pyridine
3 non-polymer 1,2-ETHANEDIOL
4 non-polymer 'CHLORIDE ION'
5 non-polymer 'SODIUM ION'
6 water water
#
_entity_poly.entity_id   1
_entity_poly.type   'polypeptide(L)'
_entity_poly.pdbx_seq_one_letter_code
;MGSSHHHHHHSQDPMPGPAAGSRARVYAEVNSLRSREYWDYEAHVPSWGNQDDYQLVRKLGRGKYSEVFEAINITNNERV
VVKILKPVKKKKIKREVKILENLRGGTNIIKLIDTVKDPVSKTPALVFEYINNTDFKQLYQILTDFDIRFYMYELLKALD
YCHSKGIMHRDVKPHNVMIDHQQKKLRLIDWGLAEFYHPAQEYNVRVASRYFKGPELLVDYQMYDYSLDMWSLGCMLASM
IFRREPFFHGQDNYDQLVRIAKVLGTEELYGYLKKYHIDLDPHFNDILGQHSRKRWENFIHSENRHLVSPEALDLLDKLL
RYDHQQRLTAKEAMEHPYFYPVVKEQSQPSADNAVLSSGLTAAR
;
_entity_poly.pdbx_strand_id   A
#
# COMPACT_ATOMS: atom_id res chain seq x y z
N GLY A 21 23.50 -7.83 -2.65
CA GLY A 21 22.33 -6.99 -2.89
C GLY A 21 21.48 -6.76 -1.65
N SER A 22 20.41 -6.00 -1.82
CA SER A 22 19.52 -5.67 -0.71
C SER A 22 18.56 -6.81 -0.43
N ARG A 23 18.21 -7.00 0.84
N ARG A 23 18.21 -6.96 0.85
CA ARG A 23 17.12 -7.89 1.18
CA ARG A 23 17.26 -7.94 1.35
C ARG A 23 16.33 -7.36 2.36
C ARG A 23 16.30 -7.29 2.35
N ALA A 24 15.10 -7.85 2.46
CA ALA A 24 14.19 -7.47 3.54
C ALA A 24 14.77 -7.84 4.89
N ARG A 25 14.59 -6.96 5.88
CA ARG A 25 15.01 -7.25 7.25
C ARG A 25 14.08 -8.23 7.95
N VAL A 26 12.87 -8.39 7.45
CA VAL A 26 11.91 -9.30 8.04
C VAL A 26 11.26 -10.10 6.93
N TYR A 27 10.83 -11.31 7.27
N TYR A 27 10.86 -11.32 7.25
CA TYR A 27 10.10 -12.17 6.35
CA TYR A 27 10.05 -12.13 6.36
C TYR A 27 10.81 -12.29 5.01
C TYR A 27 10.79 -12.46 5.05
N ALA A 28 12.13 -12.34 5.06
CA ALA A 28 12.87 -12.39 3.82
C ALA A 28 12.73 -13.75 3.14
N GLU A 29 12.83 -14.83 3.92
CA GLU A 29 12.85 -16.17 3.37
C GLU A 29 11.51 -16.87 3.48
N VAL A 30 10.45 -16.14 3.86
CA VAL A 30 9.23 -16.79 4.27
C VAL A 30 8.63 -17.60 3.11
N ASN A 31 8.69 -17.08 1.89
CA ASN A 31 8.11 -17.85 0.79
C ASN A 31 8.95 -19.08 0.45
N SER A 32 10.27 -18.97 0.55
N SER A 32 10.27 -18.96 0.53
CA SER A 32 11.12 -20.13 0.26
CA SER A 32 11.13 -20.11 0.29
C SER A 32 10.97 -21.22 1.31
C SER A 32 10.79 -21.24 1.24
N LEU A 33 10.44 -20.90 2.49
CA LEU A 33 10.18 -21.89 3.52
C LEU A 33 8.82 -22.54 3.38
N ARG A 34 8.00 -22.07 2.46
CA ARG A 34 6.69 -22.63 2.19
C ARG A 34 6.72 -23.54 0.96
N SER A 35 5.66 -24.33 0.80
CA SER A 35 5.49 -25.13 -0.40
C SER A 35 5.54 -24.23 -1.63
N ARG A 36 6.15 -24.76 -2.71
CA ARG A 36 6.18 -24.00 -3.97
C ARG A 36 4.79 -23.54 -4.39
N GLU A 37 3.77 -24.38 -4.16
CA GLU A 37 2.44 -24.02 -4.64
C GLU A 37 1.94 -22.75 -3.98
N TYR A 38 2.47 -22.38 -2.82
CA TYR A 38 2.02 -21.17 -2.14
C TYR A 38 2.29 -19.93 -2.98
N TRP A 39 3.47 -19.85 -3.60
CA TRP A 39 3.89 -18.65 -4.31
C TRP A 39 3.92 -18.81 -5.83
N ASP A 40 3.80 -20.03 -6.33
CA ASP A 40 3.89 -20.29 -7.76
C ASP A 40 2.52 -20.06 -8.40
N TYR A 41 2.14 -18.78 -8.47
CA TYR A 41 0.77 -18.46 -8.88
C TYR A 41 0.50 -18.84 -10.34
N GLU A 42 1.51 -18.91 -11.20
CA GLU A 42 1.25 -19.30 -12.58
C GLU A 42 0.72 -20.71 -12.68
N ALA A 43 0.98 -21.55 -11.67
CA ALA A 43 0.48 -22.91 -11.66
C ALA A 43 -0.84 -23.03 -10.92
N HIS A 44 -1.34 -21.93 -10.37
CA HIS A 44 -2.58 -21.96 -9.62
C HIS A 44 -3.77 -22.16 -10.56
N VAL A 45 -4.69 -23.00 -10.13
CA VAL A 45 -5.90 -23.31 -10.89
C VAL A 45 -7.09 -22.87 -10.03
N PRO A 46 -7.61 -21.67 -10.23
CA PRO A 46 -8.76 -21.22 -9.45
C PRO A 46 -9.97 -22.09 -9.73
N SER A 47 -10.89 -22.11 -8.77
N SER A 47 -10.89 -22.09 -8.77
CA SER A 47 -12.19 -22.74 -8.92
CA SER A 47 -12.19 -22.73 -8.91
C SER A 47 -13.18 -21.64 -9.27
C SER A 47 -13.19 -21.64 -9.26
N TRP A 48 -13.62 -21.62 -10.53
CA TRP A 48 -14.45 -20.53 -11.04
C TRP A 48 -15.92 -20.92 -10.91
N GLY A 49 -16.64 -20.22 -10.03
CA GLY A 49 -18.07 -20.36 -9.90
C GLY A 49 -18.82 -19.53 -10.92
N ASN A 50 -20.13 -19.38 -10.68
CA ASN A 50 -21.03 -18.84 -11.69
C ASN A 50 -21.46 -17.42 -11.34
N GLN A 51 -21.12 -16.47 -12.24
CA GLN A 51 -21.45 -15.07 -12.00
C GLN A 51 -22.95 -14.83 -12.04
N ASP A 52 -23.73 -15.76 -12.60
CA ASP A 52 -25.16 -15.54 -12.68
C ASP A 52 -25.84 -15.41 -11.32
N ASP A 53 -25.14 -15.80 -10.24
CA ASP A 53 -25.69 -15.62 -8.90
C ASP A 53 -25.65 -14.17 -8.43
N TYR A 54 -25.03 -13.27 -9.19
CA TYR A 54 -24.81 -11.91 -8.75
C TYR A 54 -25.50 -10.94 -9.69
N GLN A 55 -26.20 -9.98 -9.10
CA GLN A 55 -26.89 -8.92 -9.84
C GLN A 55 -26.13 -7.63 -9.62
N LEU A 56 -25.66 -7.02 -10.71
CA LEU A 56 -24.95 -5.74 -10.61
C LEU A 56 -25.95 -4.63 -10.38
N VAL A 57 -25.62 -3.75 -9.43
CA VAL A 57 -26.53 -2.69 -9.01
C VAL A 57 -26.00 -1.31 -9.38
N ARG A 58 -24.69 -1.11 -9.30
CA ARG A 58 -24.15 0.23 -9.48
C ARG A 58 -22.65 0.11 -9.75
N LYS A 59 -22.17 0.86 -10.73
CA LYS A 59 -20.74 0.95 -11.00
C LYS A 59 -20.09 1.83 -9.94
N LEU A 60 -19.00 1.34 -9.35
CA LEU A 60 -18.27 2.06 -8.33
C LEU A 60 -17.00 2.73 -8.85
N GLY A 61 -16.42 2.19 -9.92
CA GLY A 61 -15.15 2.67 -10.42
C GLY A 61 -14.65 1.78 -11.55
N ARG A 62 -13.58 2.25 -12.18
CA ARG A 62 -12.96 1.53 -13.28
C ARG A 62 -11.47 1.84 -13.30
N GLY A 63 -10.70 0.89 -13.82
CA GLY A 63 -9.26 1.02 -13.91
C GLY A 63 -8.76 0.43 -15.21
N LYS A 64 -7.43 0.43 -15.35
CA LYS A 64 -6.80 -0.10 -16.55
C LYS A 64 -7.33 -1.49 -16.90
N TYR A 65 -7.37 -2.39 -15.91
CA TYR A 65 -7.62 -3.80 -16.17
C TYR A 65 -8.87 -4.32 -15.46
N SER A 66 -9.77 -3.45 -15.02
CA SER A 66 -10.88 -3.94 -14.22
C SER A 66 -11.98 -2.89 -14.12
N GLU A 67 -13.14 -3.34 -13.66
N GLU A 67 -13.19 -3.35 -13.81
CA GLU A 67 -14.33 -2.53 -13.49
CA GLU A 67 -14.30 -2.48 -13.47
C GLU A 67 -15.08 -3.06 -12.29
C GLU A 67 -14.93 -3.05 -12.22
N VAL A 68 -15.42 -2.16 -11.35
CA VAL A 68 -15.91 -2.54 -10.03
C VAL A 68 -17.35 -2.10 -9.84
N PHE A 69 -18.18 -3.02 -9.34
CA PHE A 69 -19.61 -2.82 -9.17
C PHE A 69 -20.05 -3.23 -7.77
N GLU A 70 -20.97 -2.48 -7.21
CA GLU A 70 -21.80 -3.00 -6.12
C GLU A 70 -22.78 -3.99 -6.73
N ALA A 71 -23.06 -5.07 -6.00
CA ALA A 71 -23.91 -6.13 -6.51
C ALA A 71 -24.64 -6.79 -5.36
N ILE A 72 -25.66 -7.57 -5.71
CA ILE A 72 -26.41 -8.39 -4.76
C ILE A 72 -26.23 -9.85 -5.16
N ASN A 73 -25.88 -10.69 -4.19
CA ASN A 73 -25.93 -12.13 -4.38
C ASN A 73 -27.39 -12.53 -4.28
N ILE A 74 -27.98 -12.95 -5.39
CA ILE A 74 -29.41 -13.18 -5.40
C ILE A 74 -29.82 -14.42 -4.62
N THR A 75 -28.86 -15.30 -4.29
CA THR A 75 -29.20 -16.53 -3.58
C THR A 75 -29.34 -16.31 -2.09
N ASN A 76 -28.70 -15.29 -1.53
CA ASN A 76 -28.79 -15.00 -0.11
C ASN A 76 -29.06 -13.52 0.18
N ASN A 77 -29.27 -12.70 -0.85
CA ASN A 77 -29.59 -11.29 -0.70
C ASN A 77 -28.48 -10.47 -0.08
N GLU A 78 -27.24 -10.94 -0.12
CA GLU A 78 -26.15 -10.19 0.47
C GLU A 78 -25.55 -9.20 -0.53
N ARG A 79 -25.30 -7.99 -0.05
CA ARG A 79 -24.59 -6.99 -0.82
C ARG A 79 -23.11 -7.32 -0.88
N VAL A 80 -22.53 -7.23 -2.08
CA VAL A 80 -21.14 -7.56 -2.32
C VAL A 80 -20.58 -6.57 -3.34
N VAL A 81 -19.29 -6.68 -3.62
CA VAL A 81 -18.64 -5.93 -4.67
C VAL A 81 -18.06 -6.91 -5.67
N VAL A 82 -18.28 -6.63 -6.96
CA VAL A 82 -17.82 -7.49 -8.04
C VAL A 82 -16.81 -6.72 -8.87
N LYS A 83 -15.62 -7.27 -9.02
CA LYS A 83 -14.54 -6.69 -9.81
C LYS A 83 -14.37 -7.57 -11.05
N ILE A 84 -14.77 -7.03 -12.21
CA ILE A 84 -14.68 -7.77 -13.46
C ILE A 84 -13.31 -7.52 -14.05
N LEU A 85 -12.59 -8.59 -14.39
CA LEU A 85 -11.23 -8.50 -14.87
C LEU A 85 -11.16 -8.61 -16.38
N LYS A 86 -10.28 -7.84 -17.00
CA LYS A 86 -10.02 -8.05 -18.42
C LYS A 86 -9.42 -9.44 -18.59
N PRO A 87 -10.10 -10.37 -19.28
CA PRO A 87 -9.63 -11.77 -19.26
C PRO A 87 -8.27 -12.00 -19.90
N VAL A 88 -7.71 -11.01 -20.60
CA VAL A 88 -6.49 -11.27 -21.39
C VAL A 88 -5.28 -11.48 -20.48
N LYS A 89 -5.28 -10.89 -19.29
CA LYS A 89 -4.11 -10.85 -18.41
C LYS A 89 -4.10 -12.07 -17.51
N LYS A 90 -3.81 -13.24 -18.10
CA LYS A 90 -4.08 -14.48 -17.38
C LYS A 90 -3.13 -14.69 -16.21
N LYS A 91 -1.83 -14.43 -16.42
CA LYS A 91 -0.86 -14.56 -15.34
C LYS A 91 -1.18 -13.59 -14.21
N LYS A 92 -1.59 -12.37 -14.56
CA LYS A 92 -1.90 -11.36 -13.55
C LYS A 92 -3.18 -11.71 -12.81
N ILE A 93 -4.14 -12.36 -13.48
CA ILE A 93 -5.35 -12.80 -12.81
C ILE A 93 -5.00 -13.86 -11.77
N LYS A 94 -4.22 -14.86 -12.17
CA LYS A 94 -3.85 -15.91 -11.23
C LYS A 94 -3.09 -15.32 -10.06
N ARG A 95 -2.24 -14.32 -10.31
CA ARG A 95 -1.47 -13.71 -9.23
C ARG A 95 -2.40 -13.10 -8.20
N GLU A 96 -3.35 -12.27 -8.64
CA GLU A 96 -4.24 -11.60 -7.70
C GLU A 96 -5.12 -12.60 -6.97
N VAL A 97 -5.63 -13.61 -7.68
CA VAL A 97 -6.44 -14.62 -7.02
C VAL A 97 -5.63 -15.37 -5.97
N LYS A 98 -4.42 -15.82 -6.32
CA LYS A 98 -3.64 -16.61 -5.37
C LYS A 98 -3.25 -15.78 -4.16
N ILE A 99 -2.88 -14.53 -4.37
CA ILE A 99 -2.56 -13.64 -3.26
C ILE A 99 -3.77 -13.46 -2.34
N LEU A 100 -4.94 -13.20 -2.92
CA LEU A 100 -6.13 -13.02 -2.09
C LEU A 100 -6.48 -14.30 -1.33
N GLU A 101 -6.37 -15.46 -1.99
N GLU A 101 -6.30 -15.47 -1.96
CA GLU A 101 -6.54 -16.74 -1.29
CA GLU A 101 -6.58 -16.73 -1.27
C GLU A 101 -5.56 -16.84 -0.11
C GLU A 101 -5.56 -17.02 -0.17
N ASN A 102 -4.28 -16.64 -0.38
CA ASN A 102 -3.28 -16.76 0.68
C ASN A 102 -3.55 -15.82 1.86
N LEU A 103 -4.19 -14.68 1.61
CA LEU A 103 -4.45 -13.68 2.63
C LEU A 103 -5.80 -13.87 3.30
N ARG A 104 -6.53 -14.93 2.96
CA ARG A 104 -7.87 -15.11 3.50
C ARG A 104 -7.83 -15.14 5.02
N GLY A 105 -8.78 -14.45 5.62
CA GLY A 105 -8.78 -14.31 7.06
C GLY A 105 -7.84 -13.26 7.62
N GLY A 106 -6.99 -12.66 6.79
CA GLY A 106 -6.07 -11.66 7.28
C GLY A 106 -6.76 -10.42 7.81
N THR A 107 -6.19 -9.86 8.88
CA THR A 107 -6.80 -8.73 9.56
C THR A 107 -6.84 -7.54 8.64
N ASN A 108 -8.06 -7.04 8.37
CA ASN A 108 -8.29 -5.80 7.65
C ASN A 108 -7.89 -5.88 6.19
N ILE A 109 -7.71 -7.09 5.68
CA ILE A 109 -7.57 -7.31 4.24
C ILE A 109 -8.96 -7.60 3.68
N ILE A 110 -9.28 -6.97 2.55
CA ILE A 110 -10.61 -7.18 1.96
C ILE A 110 -10.81 -8.67 1.73
N LYS A 111 -11.99 -9.16 2.13
CA LYS A 111 -12.32 -10.57 2.02
C LYS A 111 -12.80 -10.92 0.62
N LEU A 112 -12.05 -11.80 -0.05
CA LEU A 112 -12.51 -12.42 -1.28
C LEU A 112 -13.52 -13.50 -0.94
N ILE A 113 -14.76 -13.33 -1.42
CA ILE A 113 -15.86 -14.27 -1.16
C ILE A 113 -15.96 -15.35 -2.23
N ASP A 114 -15.71 -15.00 -3.50
CA ASP A 114 -15.98 -15.91 -4.61
C ASP A 114 -15.06 -15.48 -5.75
N THR A 115 -14.67 -16.46 -6.55
CA THR A 115 -14.08 -16.22 -7.86
C THR A 115 -15.03 -16.83 -8.88
N VAL A 116 -15.54 -16.02 -9.80
CA VAL A 116 -16.61 -16.44 -10.69
C VAL A 116 -16.27 -16.07 -12.13
N LYS A 117 -16.96 -16.73 -13.06
CA LYS A 117 -16.88 -16.39 -14.48
C LYS A 117 -18.29 -16.28 -15.06
N ASP A 118 -18.44 -15.38 -16.02
CA ASP A 118 -19.58 -15.44 -16.92
C ASP A 118 -19.56 -16.85 -17.53
N PRO A 119 -20.60 -17.66 -17.33
CA PRO A 119 -20.54 -19.05 -17.82
C PRO A 119 -20.47 -19.19 -19.32
N VAL A 120 -20.72 -18.13 -20.09
CA VAL A 120 -20.66 -18.19 -21.55
C VAL A 120 -19.37 -17.58 -22.09
N SER A 121 -19.07 -16.34 -21.71
CA SER A 121 -17.88 -15.66 -22.20
C SER A 121 -16.62 -16.09 -21.47
N LYS A 122 -16.76 -16.65 -20.27
N LYS A 122 -16.78 -16.64 -20.27
CA LYS A 122 -15.62 -17.06 -19.46
CA LYS A 122 -15.69 -17.07 -19.38
C LYS A 122 -14.80 -15.88 -18.97
C LYS A 122 -14.90 -15.91 -18.79
N THR A 123 -15.36 -14.66 -18.99
CA THR A 123 -14.68 -13.52 -18.40
C THR A 123 -14.69 -13.68 -16.89
N PRO A 124 -13.54 -13.56 -16.22
CA PRO A 124 -13.50 -13.78 -14.78
C PRO A 124 -13.79 -12.51 -13.98
N ALA A 125 -14.23 -12.73 -12.75
CA ALA A 125 -14.53 -11.64 -11.84
C ALA A 125 -14.27 -12.11 -10.43
N LEU A 126 -13.94 -11.15 -9.56
CA LEU A 126 -13.69 -11.41 -8.16
C LEU A 126 -14.85 -10.81 -7.37
N VAL A 127 -15.31 -11.53 -6.34
CA VAL A 127 -16.41 -11.08 -5.50
C VAL A 127 -15.86 -10.83 -4.12
N PHE A 128 -16.07 -9.62 -3.60
CA PHE A 128 -15.56 -9.19 -2.32
C PHE A 128 -16.70 -8.81 -1.38
N GLU A 129 -16.41 -8.89 -0.08
CA GLU A 129 -17.31 -8.29 0.89
C GLU A 129 -17.52 -6.82 0.57
N TYR A 130 -18.72 -6.33 0.88
CA TYR A 130 -19.04 -4.91 0.73
C TYR A 130 -18.57 -4.13 1.94
N ILE A 131 -18.12 -2.90 1.71
CA ILE A 131 -17.84 -1.94 2.79
C ILE A 131 -18.34 -0.57 2.35
N ASN A 132 -19.02 0.11 3.27
CA ASN A 132 -19.67 1.40 2.98
C ASN A 132 -18.68 2.47 3.39
N ASN A 133 -17.81 2.84 2.46
CA ASN A 133 -16.68 3.68 2.80
C ASN A 133 -17.02 5.17 2.68
N THR A 134 -16.34 5.94 3.50
CA THR A 134 -16.39 7.39 3.48
C THR A 134 -15.25 7.90 2.60
N ASP A 135 -15.60 8.65 1.55
CA ASP A 135 -14.58 9.11 0.63
C ASP A 135 -13.47 9.82 1.38
N PHE A 136 -12.22 9.46 1.06
CA PHE A 136 -11.09 9.92 1.88
C PHE A 136 -10.91 11.43 1.80
N LYS A 137 -11.28 12.07 0.68
CA LYS A 137 -11.10 13.52 0.62
C LYS A 137 -11.97 14.20 1.67
N GLN A 138 -13.20 13.72 1.85
CA GLN A 138 -14.07 14.24 2.90
C GLN A 138 -13.58 13.79 4.28
N LEU A 139 -13.23 12.51 4.41
CA LEU A 139 -12.88 11.96 5.71
C LEU A 139 -11.64 12.61 6.29
N TYR A 140 -10.59 12.75 5.49
CA TYR A 140 -9.33 13.20 6.04
C TYR A 140 -9.42 14.61 6.60
N GLN A 141 -10.49 15.35 6.27
CA GLN A 141 -10.68 16.69 6.77
C GLN A 141 -11.20 16.73 8.19
N ILE A 142 -11.81 15.65 8.67
CA ILE A 142 -12.51 15.63 9.94
C ILE A 142 -11.87 14.68 10.95
N LEU A 143 -10.81 13.98 10.57
CA LEU A 143 -10.19 13.05 11.48
C LEU A 143 -9.63 13.77 12.70
N THR A 144 -9.78 13.14 13.88
CA THR A 144 -9.16 13.59 15.11
C THR A 144 -7.79 12.90 15.27
N ASP A 145 -7.02 13.39 16.25
CA ASP A 145 -5.75 12.75 16.59
C ASP A 145 -5.94 11.26 16.83
N PHE A 146 -6.89 10.91 17.70
CA PHE A 146 -7.12 9.50 17.96
C PHE A 146 -7.56 8.74 16.71
N ASP A 147 -8.40 9.36 15.86
CA ASP A 147 -8.85 8.66 14.65
C ASP A 147 -7.67 8.27 13.79
N ILE A 148 -6.71 9.19 13.63
CA ILE A 148 -5.55 8.91 12.79
C ILE A 148 -4.76 7.76 13.38
N ARG A 149 -4.48 7.84 14.68
CA ARG A 149 -3.77 6.74 15.34
C ARG A 149 -4.52 5.42 15.13
N PHE A 150 -5.84 5.44 15.33
CA PHE A 150 -6.62 4.23 15.21
C PHE A 150 -6.56 3.66 13.81
N TYR A 151 -6.86 4.48 12.79
CA TYR A 151 -6.89 3.95 11.43
C TYR A 151 -5.49 3.57 10.94
N MET A 152 -4.46 4.32 11.30
CA MET A 152 -3.11 3.91 10.92
C MET A 152 -2.74 2.58 11.55
N TYR A 153 -3.11 2.38 12.82
CA TYR A 153 -2.85 1.11 13.48
C TYR A 153 -3.54 -0.04 12.76
N GLU A 154 -4.81 0.16 12.36
CA GLU A 154 -5.54 -0.89 11.66
C GLU A 154 -4.94 -1.17 10.29
N LEU A 155 -4.50 -0.13 9.58
CA LEU A 155 -3.84 -0.35 8.30
C LEU A 155 -2.53 -1.11 8.48
N LEU A 156 -1.77 -0.77 9.52
CA LEU A 156 -0.53 -1.49 9.79
C LEU A 156 -0.78 -2.97 10.07
N LYS A 157 -1.89 -3.29 10.73
CA LYS A 157 -2.19 -4.70 10.93
C LYS A 157 -2.29 -5.42 9.59
N ALA A 158 -2.93 -4.78 8.60
CA ALA A 158 -3.08 -5.40 7.28
C ALA A 158 -1.72 -5.60 6.61
N LEU A 159 -0.86 -4.59 6.70
CA LEU A 159 0.45 -4.68 6.05
C LEU A 159 1.35 -5.66 6.78
N ASP A 160 1.37 -5.63 8.11
CA ASP A 160 2.14 -6.65 8.81
C ASP A 160 1.65 -8.05 8.41
N TYR A 161 0.34 -8.23 8.28
CA TYR A 161 -0.18 -9.53 7.89
C TYR A 161 0.31 -9.91 6.50
N CYS A 162 0.10 -9.03 5.51
CA CYS A 162 0.47 -9.47 4.16
C CYS A 162 1.99 -9.64 4.03
N HIS A 163 2.77 -8.76 4.66
CA HIS A 163 4.22 -8.96 4.65
C HIS A 163 4.60 -10.30 5.28
N SER A 164 3.96 -10.66 6.39
CA SER A 164 4.25 -11.95 7.04
C SER A 164 3.86 -13.12 6.15
N LYS A 165 2.94 -12.89 5.21
CA LYS A 165 2.52 -13.87 4.22
C LYS A 165 3.34 -13.76 2.94
N GLY A 166 4.45 -13.03 3.00
CA GLY A 166 5.39 -12.95 1.89
C GLY A 166 4.91 -12.14 0.72
N ILE A 167 4.01 -11.19 0.95
CA ILE A 167 3.38 -10.41 -0.10
C ILE A 167 3.60 -8.93 0.13
N MET A 168 4.02 -8.24 -0.93
CA MET A 168 4.11 -6.78 -1.01
C MET A 168 2.86 -6.26 -1.71
N HIS A 169 2.22 -5.24 -1.13
CA HIS A 169 1.00 -4.72 -1.74
C HIS A 169 1.30 -3.91 -2.99
N ARG A 170 2.22 -2.96 -2.88
CA ARG A 170 2.78 -2.15 -3.97
C ARG A 170 1.82 -1.11 -4.52
N ASP A 171 0.71 -0.85 -3.83
CA ASP A 171 -0.21 0.19 -4.29
C ASP A 171 -0.96 0.78 -3.09
N VAL A 172 -0.26 0.98 -1.98
CA VAL A 172 -0.88 1.57 -0.81
C VAL A 172 -1.12 3.05 -1.09
N LYS A 173 -2.35 3.48 -0.94
CA LYS A 173 -2.74 4.87 -1.11
C LYS A 173 -4.13 5.04 -0.51
N PRO A 174 -4.57 6.29 -0.27
CA PRO A 174 -5.89 6.48 0.36
C PRO A 174 -7.03 5.78 -0.37
N HIS A 175 -7.04 5.80 -1.70
CA HIS A 175 -8.11 5.19 -2.47
C HIS A 175 -8.18 3.67 -2.28
N ASN A 176 -7.08 3.03 -1.88
CA ASN A 176 -7.04 1.60 -1.66
C ASN A 176 -7.19 1.21 -0.18
N VAL A 177 -7.46 2.19 0.69
CA VAL A 177 -7.70 1.95 2.11
C VAL A 177 -9.13 2.40 2.38
N MET A 178 -10.07 1.46 2.25
N MET A 178 -10.08 1.44 2.31
CA MET A 178 -11.48 1.77 2.50
CA MET A 178 -11.50 1.73 2.47
C MET A 178 -11.70 1.89 3.99
C MET A 178 -11.85 1.81 3.96
N ILE A 179 -12.42 2.94 4.39
CA ILE A 179 -12.75 3.19 5.78
C ILE A 179 -14.24 3.46 5.88
N ASP A 180 -14.93 2.67 6.69
CA ASP A 180 -16.31 2.95 7.08
C ASP A 180 -16.17 3.69 8.41
N HIS A 181 -16.35 5.00 8.38
CA HIS A 181 -16.09 5.80 9.55
C HIS A 181 -17.20 5.71 10.58
N GLN A 182 -18.36 5.16 10.20
CA GLN A 182 -19.43 4.98 11.18
C GLN A 182 -19.26 3.67 11.95
N GLN A 183 -18.94 2.58 11.27
CA GLN A 183 -18.68 1.32 11.98
C GLN A 183 -17.21 1.14 12.38
N LYS A 184 -16.33 2.06 11.99
CA LYS A 184 -14.90 1.95 12.34
C LYS A 184 -14.30 0.68 11.77
N LYS A 185 -14.49 0.46 10.48
CA LYS A 185 -13.95 -0.69 9.76
C LYS A 185 -13.02 -0.19 8.67
N LEU A 186 -11.90 -0.87 8.50
CA LEU A 186 -10.90 -0.53 7.49
C LEU A 186 -10.55 -1.79 6.73
N ARG A 187 -10.44 -1.66 5.40
CA ARG A 187 -10.05 -2.77 4.55
C ARG A 187 -9.06 -2.27 3.50
N LEU A 188 -7.94 -2.96 3.39
CA LEU A 188 -6.98 -2.71 2.33
C LEU A 188 -7.42 -3.48 1.09
N ILE A 189 -7.66 -2.74 0.00
CA ILE A 189 -8.21 -3.32 -1.23
C ILE A 189 -7.22 -3.24 -2.39
N ASP A 190 -7.66 -3.70 -3.55
CA ASP A 190 -6.95 -3.68 -4.83
C ASP A 190 -5.57 -4.30 -4.76
N TRP A 191 -5.56 -5.62 -4.79
CA TRP A 191 -4.35 -6.41 -4.74
C TRP A 191 -3.82 -6.72 -6.13
N GLY A 192 -4.27 -5.99 -7.15
CA GLY A 192 -3.87 -6.29 -8.53
C GLY A 192 -2.41 -5.99 -8.86
N LEU A 193 -1.72 -5.19 -8.04
CA LEU A 193 -0.28 -4.94 -8.24
C LEU A 193 0.59 -5.70 -7.24
N ALA A 194 -0.02 -6.44 -6.32
CA ALA A 194 0.74 -7.12 -5.29
C ALA A 194 1.59 -8.24 -5.89
N GLU A 195 2.69 -8.54 -5.20
CA GLU A 195 3.63 -9.57 -5.64
C GLU A 195 4.22 -10.29 -4.44
N PHE A 196 4.70 -11.50 -4.70
CA PHE A 196 5.44 -12.29 -3.73
C PHE A 196 6.88 -11.80 -3.63
N TYR A 197 7.38 -11.66 -2.42
CA TYR A 197 8.75 -11.27 -2.19
C TYR A 197 9.66 -12.49 -2.15
N HIS A 198 10.75 -12.43 -2.93
CA HIS A 198 11.77 -13.44 -2.96
C HIS A 198 13.11 -12.74 -2.88
N PRO A 199 14.02 -13.18 -2.01
CA PRO A 199 15.28 -12.46 -1.83
C PRO A 199 16.06 -12.37 -3.14
N ALA A 200 16.61 -11.19 -3.41
CA ALA A 200 17.44 -10.90 -4.58
C ALA A 200 16.64 -10.80 -5.88
N GLN A 201 15.31 -10.98 -5.84
CA GLN A 201 14.53 -10.82 -7.06
C GLN A 201 14.44 -9.34 -7.44
N GLU A 202 14.57 -9.08 -8.73
CA GLU A 202 14.42 -7.73 -9.26
C GLU A 202 12.99 -7.55 -9.76
N TYR A 203 12.34 -6.51 -9.28
CA TYR A 203 10.93 -6.26 -9.51
C TYR A 203 10.74 -5.07 -10.42
N ASN A 204 9.60 -5.05 -11.12
CA ASN A 204 9.21 -3.91 -11.93
C ASN A 204 8.98 -2.69 -11.03
N VAL A 205 9.60 -1.55 -11.39
CA VAL A 205 9.47 -0.35 -10.56
C VAL A 205 8.21 0.44 -10.91
N ARG A 206 7.48 0.03 -11.96
CA ARG A 206 6.28 0.74 -12.39
C ARG A 206 5.08 0.22 -11.58
N VAL A 207 5.13 0.52 -10.29
CA VAL A 207 4.07 0.18 -9.33
C VAL A 207 3.80 1.41 -8.46
N ALA A 208 2.67 1.35 -7.74
CA ALA A 208 2.18 2.43 -6.88
C ALA A 208 1.77 3.70 -7.63
N SER A 209 0.88 4.47 -7.03
CA SER A 209 0.55 5.81 -7.51
C SER A 209 1.77 6.70 -7.38
N ARG A 210 1.95 7.61 -8.34
CA ARG A 210 3.06 8.56 -8.30
C ARG A 210 3.35 9.09 -6.90
N TYR A 211 2.30 9.56 -6.20
CA TYR A 211 2.52 10.29 -4.97
C TYR A 211 2.99 9.39 -3.84
N PHE A 212 2.83 8.07 -4.00
CA PHE A 212 3.14 7.08 -2.99
C PHE A 212 4.31 6.16 -3.41
N LYS A 213 4.97 6.47 -4.51
CA LYS A 213 6.14 5.71 -4.93
C LYS A 213 7.32 6.02 -4.00
N GLY A 214 7.95 4.98 -3.51
CA GLY A 214 9.16 5.13 -2.74
C GLY A 214 10.31 5.64 -3.59
N PRO A 215 11.28 6.33 -2.99
CA PRO A 215 12.47 6.74 -3.77
C PRO A 215 13.12 5.59 -4.52
N GLU A 216 13.15 4.37 -3.95
CA GLU A 216 13.70 3.23 -4.69
C GLU A 216 13.07 3.09 -6.06
N LEU A 217 11.75 3.28 -6.18
CA LEU A 217 11.13 3.17 -7.49
C LEU A 217 11.53 4.33 -8.38
N LEU A 218 11.65 5.53 -7.80
CA LEU A 218 11.90 6.71 -8.61
C LEU A 218 13.33 6.74 -9.15
N VAL A 219 14.25 6.01 -8.51
CA VAL A 219 15.63 5.91 -8.99
C VAL A 219 15.90 4.55 -9.65
N ASP A 220 14.84 3.80 -9.97
N ASP A 220 14.85 3.82 -10.02
CA ASP A 220 14.91 2.55 -10.75
CA ASP A 220 14.99 2.56 -10.74
C ASP A 220 15.66 1.42 -10.03
C ASP A 220 15.88 1.58 -9.98
N TYR A 221 15.56 1.38 -8.71
CA TYR A 221 16.21 0.35 -7.91
C TYR A 221 15.22 -0.81 -7.81
N GLN A 222 15.54 -1.91 -8.49
CA GLN A 222 14.59 -3.01 -8.65
C GLN A 222 14.61 -4.01 -7.50
N MET A 223 15.65 -4.02 -6.68
CA MET A 223 15.73 -5.04 -5.63
C MET A 223 15.07 -4.57 -4.35
N TYR A 224 13.80 -4.15 -4.44
CA TYR A 224 13.06 -3.60 -3.32
C TYR A 224 12.28 -4.70 -2.60
N ASP A 225 11.56 -4.33 -1.55
CA ASP A 225 10.88 -5.33 -0.72
C ASP A 225 9.68 -4.70 -0.04
N TYR A 226 9.18 -5.36 1.01
CA TYR A 226 7.99 -4.93 1.73
C TYR A 226 8.10 -3.48 2.19
N SER A 227 9.33 -3.01 2.41
CA SER A 227 9.54 -1.66 2.92
C SER A 227 9.01 -0.61 1.95
N LEU A 228 8.80 -0.98 0.67
CA LEU A 228 8.13 -0.04 -0.24
C LEU A 228 6.79 0.40 0.34
N ASP A 229 6.01 -0.56 0.86
CA ASP A 229 4.69 -0.23 1.39
C ASP A 229 4.79 0.69 2.61
N MET A 230 5.89 0.58 3.35
CA MET A 230 6.07 1.42 4.52
C MET A 230 6.33 2.88 4.14
N TRP A 231 7.03 3.12 3.01
CA TRP A 231 7.12 4.47 2.48
C TRP A 231 5.72 5.01 2.19
N SER A 232 4.94 4.24 1.43
CA SER A 232 3.59 4.67 1.07
C SER A 232 2.76 4.98 2.30
N LEU A 233 2.85 4.11 3.32
CA LEU A 233 2.14 4.35 4.57
C LEU A 233 2.61 5.64 5.23
N GLY A 234 3.92 5.87 5.26
CA GLY A 234 4.41 7.13 5.81
C GLY A 234 3.84 8.32 5.07
N CYS A 235 3.73 8.22 3.74
CA CYS A 235 3.14 9.30 2.97
C CYS A 235 1.71 9.58 3.43
N MET A 236 0.95 8.51 3.69
CA MET A 236 -0.41 8.67 4.18
C MET A 236 -0.43 9.28 5.57
N LEU A 237 0.45 8.82 6.46
CA LEU A 237 0.49 9.38 7.80
C LEU A 237 0.78 10.87 7.74
N ALA A 238 1.75 11.27 6.92
CA ALA A 238 2.08 12.69 6.80
C ALA A 238 0.89 13.48 6.30
N SER A 239 0.18 12.96 5.30
CA SER A 239 -0.97 13.70 4.76
C SER A 239 -2.05 13.86 5.81
N MET A 240 -2.23 12.86 6.67
N MET A 240 -2.17 12.88 6.72
CA MET A 240 -3.25 12.96 7.70
CA MET A 240 -3.26 12.90 7.70
C MET A 240 -2.86 13.97 8.76
C MET A 240 -2.94 13.81 8.89
N ILE A 241 -1.71 13.77 9.40
CA ILE A 241 -1.36 14.63 10.53
C ILE A 241 -1.12 16.06 10.11
N PHE A 242 -0.66 16.28 8.86
CA PHE A 242 -0.37 17.62 8.40
C PHE A 242 -1.50 18.23 7.57
N ARG A 243 -2.45 17.42 7.11
CA ARG A 243 -3.57 17.88 6.29
C ARG A 243 -3.07 18.48 4.98
N ARG A 244 -2.06 17.86 4.39
CA ARG A 244 -1.63 18.14 3.03
C ARG A 244 -1.71 16.82 2.28
N GLU A 245 -2.71 16.67 1.42
CA GLU A 245 -3.01 15.41 0.75
C GLU A 245 -3.08 15.62 -0.76
N PRO A 246 -2.27 14.90 -1.56
CA PRO A 246 -1.16 14.04 -1.13
C PRO A 246 -0.04 14.90 -0.57
N PHE A 247 0.86 14.27 0.21
CA PHE A 247 1.87 15.04 0.92
C PHE A 247 2.98 15.49 -0.01
N PHE A 248 3.45 14.58 -0.88
CA PHE A 248 4.47 14.86 -1.88
C PHE A 248 3.79 14.87 -3.24
N HIS A 249 3.53 16.06 -3.79
CA HIS A 249 2.65 16.18 -4.96
C HIS A 249 3.45 16.43 -6.24
N GLY A 250 4.11 15.39 -6.75
CA GLY A 250 4.88 15.54 -7.97
C GLY A 250 4.00 15.65 -9.20
N GLN A 251 4.51 16.34 -10.21
CA GLN A 251 3.83 16.46 -11.50
C GLN A 251 4.18 15.33 -12.46
N ASP A 252 5.25 14.59 -12.18
CA ASP A 252 5.67 13.42 -12.95
C ASP A 252 6.64 12.68 -12.04
N ASN A 253 7.16 11.55 -12.51
CA ASN A 253 8.00 10.74 -11.64
C ASN A 253 9.31 11.43 -11.32
N TYR A 254 9.85 12.22 -12.25
CA TYR A 254 11.06 12.97 -11.93
C TYR A 254 10.78 14.00 -10.84
N ASP A 255 9.74 14.82 -11.05
CA ASP A 255 9.40 15.85 -10.08
C ASP A 255 9.04 15.25 -8.73
N GLN A 256 8.49 14.04 -8.73
CA GLN A 256 8.15 13.39 -7.46
C GLN A 256 9.41 13.25 -6.60
N LEU A 257 10.53 12.84 -7.18
CA LEU A 257 11.74 12.69 -6.36
C LEU A 257 12.23 14.07 -5.90
N VAL A 258 12.09 15.08 -6.76
CA VAL A 258 12.46 16.44 -6.36
C VAL A 258 11.65 16.87 -5.15
N ARG A 259 10.33 16.61 -5.16
CA ARG A 259 9.48 16.98 -4.03
C ARG A 259 9.94 16.28 -2.75
N ILE A 260 10.33 15.02 -2.87
CA ILE A 260 10.83 14.29 -1.71
C ILE A 260 12.14 14.91 -1.23
N ALA A 261 13.05 15.19 -2.16
CA ALA A 261 14.37 15.68 -1.79
C ALA A 261 14.32 17.07 -1.18
N LYS A 262 13.32 17.87 -1.54
N LYS A 262 13.32 17.87 -1.57
CA LYS A 262 13.17 19.18 -0.91
CA LYS A 262 13.11 19.17 -0.92
C LYS A 262 12.73 19.10 0.54
C LYS A 262 12.92 19.02 0.59
N VAL A 263 12.35 17.91 1.02
CA VAL A 263 12.05 17.68 2.44
C VAL A 263 13.15 16.87 3.12
N LEU A 264 13.51 15.72 2.53
N LEU A 264 13.51 15.72 2.56
CA LEU A 264 14.51 14.83 3.13
CA LEU A 264 14.53 14.89 3.20
C LEU A 264 15.94 15.23 2.83
C LEU A 264 15.93 15.46 3.00
N GLY A 265 16.18 16.13 1.88
CA GLY A 265 17.49 16.67 1.60
C GLY A 265 18.19 15.92 0.48
N THR A 266 19.03 16.64 -0.25
CA THR A 266 19.75 16.05 -1.38
C THR A 266 21.01 15.29 -0.96
N GLU A 267 21.75 15.81 0.03
N GLU A 267 21.73 15.80 0.04
CA GLU A 267 22.93 15.10 0.50
CA GLU A 267 22.92 15.10 0.48
C GLU A 267 22.56 13.74 1.06
C GLU A 267 22.55 13.73 1.05
N GLU A 268 21.40 13.65 1.71
CA GLU A 268 20.93 12.37 2.22
C GLU A 268 20.52 11.43 1.08
N LEU A 269 19.94 11.97 0.01
CA LEU A 269 19.65 11.16 -1.17
C LEU A 269 20.94 10.58 -1.74
N TYR A 270 21.97 11.40 -1.90
CA TYR A 270 23.21 10.91 -2.48
C TYR A 270 23.85 9.84 -1.62
N GLY A 271 23.72 9.93 -0.29
CA GLY A 271 24.29 8.89 0.55
C GLY A 271 23.57 7.56 0.34
N TYR A 272 22.25 7.61 0.20
CA TYR A 272 21.46 6.43 -0.13
C TYR A 272 21.91 5.83 -1.46
N LEU A 273 21.98 6.64 -2.51
CA LEU A 273 22.40 6.11 -3.80
C LEU A 273 23.76 5.46 -3.70
N LYS A 274 24.70 6.10 -2.99
N LYS A 274 24.69 6.09 -2.97
CA LYS A 274 26.04 5.54 -2.87
CA LYS A 274 26.04 5.55 -2.87
C LYS A 274 26.00 4.18 -2.18
C LYS A 274 26.05 4.21 -2.13
N LYS A 275 25.21 4.08 -1.10
CA LYS A 275 25.20 2.85 -0.32
C LYS A 275 24.78 1.65 -1.17
N TYR A 276 23.82 1.85 -2.06
CA TYR A 276 23.27 0.77 -2.86
C TYR A 276 23.80 0.77 -4.29
N HIS A 277 24.80 1.61 -4.57
CA HIS A 277 25.45 1.66 -5.88
C HIS A 277 24.44 1.97 -6.97
N ILE A 278 23.58 2.95 -6.71
CA ILE A 278 22.48 3.29 -7.59
C ILE A 278 22.92 4.38 -8.53
N ASP A 279 22.70 4.14 -9.82
CA ASP A 279 22.99 5.11 -10.86
C ASP A 279 21.76 5.97 -11.08
N LEU A 280 21.94 7.28 -11.04
CA LEU A 280 20.86 8.23 -11.15
C LEU A 280 20.72 8.68 -12.58
N ASP A 281 19.51 8.55 -13.12
CA ASP A 281 19.18 9.05 -14.45
C ASP A 281 19.68 10.50 -14.58
N PRO A 282 20.48 10.83 -15.60
CA PRO A 282 21.10 12.16 -15.65
C PRO A 282 20.10 13.28 -15.87
N HIS A 283 18.84 12.99 -16.22
CA HIS A 283 17.85 14.06 -16.28
C HIS A 283 17.63 14.70 -14.91
N PHE A 284 17.91 13.98 -13.83
CA PHE A 284 17.80 14.56 -12.51
C PHE A 284 18.81 15.67 -12.28
N ASN A 285 19.90 15.69 -13.05
CA ASN A 285 20.95 16.68 -12.83
C ASN A 285 20.40 18.09 -12.91
N ASP A 286 19.48 18.35 -13.82
CA ASP A 286 19.02 19.71 -14.07
C ASP A 286 17.84 20.14 -13.20
N ILE A 287 17.28 19.23 -12.41
CA ILE A 287 16.07 19.53 -11.66
C ILE A 287 16.20 19.32 -10.15
N LEU A 288 17.15 18.52 -9.66
CA LEU A 288 17.16 18.21 -8.22
C LEU A 288 17.58 19.41 -7.37
N GLY A 289 18.53 20.21 -7.85
CA GLY A 289 19.03 21.32 -7.04
C GLY A 289 19.78 20.86 -5.80
N GLN A 290 19.81 21.74 -4.81
CA GLN A 290 20.46 21.48 -3.53
C GLN A 290 19.49 21.86 -2.43
N HIS A 291 19.18 20.89 -1.56
CA HIS A 291 18.17 21.12 -0.55
C HIS A 291 18.63 20.56 0.78
N SER A 292 18.53 21.39 1.81
N SER A 292 18.51 21.36 1.84
CA SER A 292 18.71 20.92 3.17
CA SER A 292 18.81 20.90 3.18
C SER A 292 17.62 19.92 3.53
C SER A 292 17.63 20.12 3.75
N ARG A 293 17.94 19.05 4.49
CA ARG A 293 16.89 18.29 5.16
C ARG A 293 16.10 19.23 6.05
N LYS A 294 14.78 19.15 5.98
CA LYS A 294 13.88 20.02 6.73
C LYS A 294 13.44 19.35 8.02
N ARG A 295 13.23 20.17 9.05
CA ARG A 295 12.66 19.67 10.30
C ARG A 295 11.16 19.40 10.10
N TRP A 296 10.69 18.27 10.60
CA TRP A 296 9.28 17.93 10.41
C TRP A 296 8.37 18.94 11.08
N GLU A 297 8.87 19.61 12.11
CA GLU A 297 8.11 20.65 12.78
C GLU A 297 7.76 21.80 11.85
N ASN A 298 8.51 21.97 10.74
CA ASN A 298 8.22 23.03 9.79
C ASN A 298 6.84 22.89 9.16
N PHE A 299 6.25 21.70 9.21
CA PHE A 299 4.94 21.49 8.59
C PHE A 299 3.78 21.80 9.51
N ILE A 300 4.04 22.14 10.77
CA ILE A 300 2.98 22.40 11.74
C ILE A 300 2.53 23.84 11.61
N HIS A 301 1.21 24.03 11.61
CA HIS A 301 0.62 25.35 11.75
C HIS A 301 -0.75 25.19 12.42
N SER A 302 -1.50 26.30 12.53
CA SER A 302 -2.68 26.29 13.39
C SER A 302 -3.71 25.28 12.94
N GLU A 303 -3.79 24.99 11.64
CA GLU A 303 -4.81 24.08 11.12
C GLU A 303 -4.53 22.62 11.39
N ASN A 304 -3.29 22.25 11.73
CA ASN A 304 -2.96 20.85 11.96
C ASN A 304 -2.31 20.59 13.32
N ARG A 305 -2.10 21.62 14.16
CA ARG A 305 -1.34 21.44 15.38
C ARG A 305 -1.94 20.37 16.30
N HIS A 306 -3.27 20.24 16.30
CA HIS A 306 -3.96 19.30 17.18
C HIS A 306 -3.79 17.84 16.75
N LEU A 307 -3.26 17.60 15.55
CA LEU A 307 -3.03 16.24 15.06
C LEU A 307 -1.57 15.82 15.19
N VAL A 308 -0.70 16.75 15.57
CA VAL A 308 0.75 16.50 15.58
C VAL A 308 1.23 16.48 17.02
N SER A 309 2.10 15.52 17.30
CA SER A 309 2.70 15.34 18.62
C SER A 309 4.15 14.92 18.41
N PRO A 310 4.99 14.98 19.45
CA PRO A 310 6.36 14.47 19.29
C PRO A 310 6.38 13.02 18.83
N GLU A 311 5.47 12.20 19.35
N GLU A 311 5.44 12.21 19.31
CA GLU A 311 5.40 10.81 18.95
CA GLU A 311 5.42 10.79 18.96
C GLU A 311 5.11 10.69 17.46
C GLU A 311 5.00 10.58 17.50
N ALA A 312 4.10 11.42 16.97
CA ALA A 312 3.75 11.33 15.56
C ALA A 312 4.96 11.66 14.69
N LEU A 313 5.70 12.72 15.06
CA LEU A 313 6.85 13.13 14.24
C LEU A 313 7.96 12.10 14.31
N ASP A 314 8.19 11.53 15.49
CA ASP A 314 9.23 10.52 15.62
C ASP A 314 8.91 9.31 14.73
N LEU A 315 7.66 8.87 14.75
CA LEU A 315 7.23 7.76 13.89
C LEU A 315 7.39 8.12 12.42
N LEU A 316 6.86 9.28 12.02
CA LEU A 316 6.96 9.67 10.62
C LEU A 316 8.41 9.74 10.17
N ASP A 317 9.29 10.29 11.02
CA ASP A 317 10.70 10.42 10.67
C ASP A 317 11.35 9.06 10.42
N LYS A 318 10.84 8.01 11.07
CA LYS A 318 11.37 6.66 10.91
C LYS A 318 10.73 5.89 9.77
N LEU A 319 9.69 6.44 9.14
CA LEU A 319 9.08 5.83 7.97
C LEU A 319 9.55 6.48 6.68
N LEU A 320 9.53 7.81 6.64
CA LEU A 320 9.91 8.54 5.44
C LEU A 320 11.42 8.75 5.43
N ARG A 321 12.12 7.65 5.16
CA ARG A 321 13.57 7.60 5.01
C ARG A 321 13.91 7.08 3.62
N TYR A 322 14.94 7.66 3.00
CA TYR A 322 15.37 7.15 1.70
C TYR A 322 15.71 5.68 1.80
N ASP A 323 16.50 5.32 2.81
CA ASP A 323 17.06 3.97 2.90
C ASP A 323 15.96 3.01 3.29
N HIS A 324 15.47 2.25 2.32
CA HIS A 324 14.35 1.34 2.55
C HIS A 324 14.66 0.36 3.68
N GLN A 325 15.92 -0.05 3.83
N GLN A 325 15.93 0.01 3.85
CA GLN A 325 16.27 -1.00 4.88
CA GLN A 325 16.34 -0.99 4.83
C GLN A 325 16.08 -0.43 6.27
C GLN A 325 16.37 -0.44 6.25
N GLN A 326 16.24 0.88 6.42
CA GLN A 326 16.21 1.52 7.73
C GLN A 326 14.82 2.00 8.12
N ARG A 327 13.85 1.95 7.21
CA ARG A 327 12.47 2.25 7.57
C ARG A 327 11.96 1.23 8.55
N LEU A 328 11.06 1.67 9.43
CA LEU A 328 10.41 0.71 10.33
C LEU A 328 9.67 -0.35 9.51
N THR A 329 9.67 -1.56 10.04
CA THR A 329 8.75 -2.58 9.57
C THR A 329 7.34 -2.22 10.06
N ALA A 330 6.34 -2.90 9.49
CA ALA A 330 4.98 -2.65 9.95
C ALA A 330 4.85 -2.96 11.43
N LYS A 331 5.48 -4.05 11.88
CA LYS A 331 5.42 -4.41 13.28
C LYS A 331 6.10 -3.37 14.15
N GLU A 332 7.30 -2.94 13.76
CA GLU A 332 7.99 -1.91 14.53
C GLU A 332 7.14 -0.66 14.62
N ALA A 333 6.47 -0.30 13.53
CA ALA A 333 5.59 0.87 13.56
C ALA A 333 4.45 0.67 14.54
N MET A 334 3.80 -0.51 14.50
CA MET A 334 2.71 -0.76 15.43
C MET A 334 3.16 -0.68 16.87
N GLU A 335 4.42 -0.99 17.16
N GLU A 335 4.42 -0.99 17.14
CA GLU A 335 4.92 -0.98 18.52
CA GLU A 335 4.99 -0.98 18.48
C GLU A 335 5.28 0.42 18.99
C GLU A 335 5.42 0.40 18.94
N HIS A 336 5.27 1.40 18.10
CA HIS A 336 5.73 2.73 18.44
C HIS A 336 4.79 3.38 19.46
N PRO A 337 5.33 4.22 20.36
CA PRO A 337 4.48 4.91 21.35
C PRO A 337 3.31 5.71 20.79
N TYR A 338 3.41 6.19 19.56
CA TYR A 338 2.29 6.89 18.94
C TYR A 338 1.01 6.09 19.05
N PHE A 339 1.09 4.77 19.00
CA PHE A 339 -0.09 3.93 19.01
C PHE A 339 -0.47 3.44 20.40
N TYR A 340 0.30 3.77 21.44
CA TYR A 340 -0.05 3.33 22.78
C TYR A 340 -1.49 3.69 23.15
N PRO A 341 -2.00 4.87 22.84
CA PRO A 341 -3.41 5.16 23.19
C PRO A 341 -4.39 4.21 22.53
N VAL A 342 -4.08 3.74 21.33
CA VAL A 342 -4.96 2.80 20.62
C VAL A 342 -4.89 1.44 21.27
N VAL A 343 -3.66 0.96 21.52
CA VAL A 343 -3.48 -0.31 22.20
C VAL A 343 -4.21 -0.31 23.54
N LYS A 344 -4.08 0.79 24.30
CA LYS A 344 -4.75 0.84 25.60
C LYS A 344 -6.27 0.80 25.45
N GLU A 345 -6.82 1.55 24.50
CA GLU A 345 -8.27 1.53 24.30
C GLU A 345 -8.73 0.14 23.88
N GLN A 346 -7.94 -0.56 23.05
CA GLN A 346 -8.33 -1.88 22.60
C GLN A 346 -8.24 -2.93 23.71
N SER A 347 -7.76 -2.54 24.89
CA SER A 347 -7.77 -3.41 26.07
C SER A 347 -9.16 -3.41 26.69
#